data_1MN4
#
_entry.id   1MN4
#
_cell.length_a   35.880
_cell.length_b   41.930
_cell.length_c   164.500
_cell.angle_alpha   90.00
_cell.angle_beta   90.00
_cell.angle_gamma   90.00
#
_symmetry.space_group_name_H-M   'P 21 21 21'
#
loop_
_entity.id
_entity.type
_entity.pdbx_description
1 polymer 'NDT80 PROTEIN'
2 water water
#
_entity_poly.entity_id   1
_entity_poly.type   'polypeptide(L)'
_entity_poly.pdbx_seq_one_letter_code
;STLQFKVGPPFELVRDYCPVVESHTGRTLDLRIIPRIDRGFDHIDEEWVGYKRSYFTLVSTFETANCDLDTFLKSSFDLL
VEDSSVEGRLRVQYFAIKIKAKNDDDDTEINLVQHTAKRDKGPQFCPSVCPLVPSPLPKHQIIREASNVRNITKMKKYDS
TFYLHRDHVNYEEYGVDSLLFSYPEDSIQKVARYERVQFASSISVKKPSQQNKHFSLHVILGAVVDPDTFHGENPGIPYD
ELALKNGSKGMFVYLQEMKTPPLIIRGRSPSNYASSQRITVR
;
_entity_poly.pdbx_strand_id   A
#
# COMPACT_ATOMS: atom_id res chain seq x y z
N PHE A 5 4.34 6.52 -20.03
CA PHE A 5 4.45 5.34 -19.14
C PHE A 5 5.62 4.45 -19.54
N LYS A 6 6.24 3.80 -18.56
CA LYS A 6 7.38 2.92 -18.82
C LYS A 6 7.79 2.09 -17.60
N VAL A 7 8.49 0.99 -17.85
CA VAL A 7 8.96 0.12 -16.77
C VAL A 7 9.84 0.95 -15.82
N GLY A 8 9.49 0.91 -14.53
CA GLY A 8 10.23 1.68 -13.55
C GLY A 8 11.07 0.88 -12.60
N PRO A 9 11.62 1.52 -11.56
CA PRO A 9 12.46 0.86 -10.54
C PRO A 9 11.75 -0.35 -9.95
N PRO A 10 12.43 -1.52 -9.93
CA PRO A 10 11.85 -2.75 -9.39
C PRO A 10 11.81 -2.73 -7.84
N PHE A 11 10.89 -3.51 -7.27
CA PHE A 11 10.75 -3.59 -5.83
C PHE A 11 11.32 -4.88 -5.26
N GLU A 12 11.90 -4.78 -4.08
CA GLU A 12 12.50 -5.92 -3.40
C GLU A 12 11.98 -5.96 -1.96
N LEU A 13 11.96 -7.15 -1.37
CA LEU A 13 11.49 -7.31 -0.01
C LEU A 13 12.46 -6.68 0.97
N VAL A 14 11.94 -5.85 1.86
CA VAL A 14 12.76 -5.21 2.88
C VAL A 14 12.64 -6.05 4.15
N ARG A 15 11.40 -6.38 4.54
CA ARG A 15 11.19 -7.15 5.76
C ARG A 15 9.73 -7.57 5.99
N ASP A 16 9.56 -8.65 6.75
CA ASP A 16 8.22 -9.12 7.12
C ASP A 16 8.15 -8.77 8.59
N TYR A 17 7.02 -8.23 9.04
CA TYR A 17 6.90 -7.84 10.45
C TYR A 17 6.00 -8.79 11.24
N CYS A 18 4.88 -8.29 11.75
CA CYS A 18 3.96 -9.11 12.55
C CYS A 18 3.19 -10.14 11.73
N PRO A 19 3.07 -11.37 12.25
CA PRO A 19 2.35 -12.46 11.57
C PRO A 19 0.83 -12.27 11.77
N VAL A 20 0.04 -12.64 10.77
CA VAL A 20 -1.41 -12.50 10.88
C VAL A 20 -2.08 -13.87 10.88
N VAL A 21 -3.01 -14.09 11.82
CA VAL A 21 -3.71 -15.36 11.91
C VAL A 21 -5.23 -15.24 11.95
N GLU A 22 -5.90 -16.15 11.27
CA GLU A 22 -7.36 -16.17 11.24
C GLU A 22 -7.81 -16.68 12.62
N SER A 23 -8.75 -15.96 13.23
CA SER A 23 -9.27 -16.30 14.57
C SER A 23 -10.00 -17.64 14.70
N HIS A 24 -10.60 -18.11 13.61
CA HIS A 24 -11.36 -19.36 13.66
C HIS A 24 -10.55 -20.62 13.38
N THR A 25 -9.73 -20.57 12.33
CA THR A 25 -8.94 -21.73 11.93
C THR A 25 -7.50 -21.72 12.42
N GLY A 26 -7.05 -20.58 12.95
CA GLY A 26 -5.68 -20.46 13.42
C GLY A 26 -4.73 -20.52 12.24
N ARG A 27 -5.29 -20.45 11.04
CA ARG A 27 -4.51 -20.48 9.81
C ARG A 27 -3.74 -19.17 9.63
N THR A 28 -2.44 -19.27 9.41
CA THR A 28 -1.60 -18.09 9.22
C THR A 28 -1.78 -17.55 7.80
N LEU A 29 -2.00 -16.25 7.70
CA LEU A 29 -2.20 -15.60 6.42
C LEU A 29 -0.86 -15.25 5.77
N ASP A 30 -0.57 -15.85 4.62
CA ASP A 30 0.67 -15.57 3.90
C ASP A 30 0.37 -14.38 3.00
N LEU A 31 1.14 -13.30 3.18
CA LEU A 31 0.92 -12.08 2.41
C LEU A 31 2.07 -11.68 1.48
N ARG A 32 1.73 -10.99 0.40
CA ARG A 32 2.73 -10.53 -0.55
C ARG A 32 2.30 -9.28 -1.31
N ILE A 33 2.96 -8.16 -1.02
CA ILE A 33 2.68 -6.89 -1.70
C ILE A 33 3.14 -7.01 -3.15
N ILE A 34 2.36 -6.48 -4.08
CA ILE A 34 2.71 -6.52 -5.49
C ILE A 34 2.66 -5.09 -6.05
N PRO A 35 3.73 -4.32 -5.83
CA PRO A 35 3.84 -2.93 -6.28
C PRO A 35 4.59 -2.80 -7.60
N ARG A 36 4.36 -1.70 -8.29
CA ARG A 36 5.02 -1.45 -9.55
C ARG A 36 4.93 0.04 -9.85
N ILE A 37 6.01 0.61 -10.38
CA ILE A 37 6.02 2.02 -10.75
C ILE A 37 5.82 2.00 -12.26
N ASP A 38 4.81 2.73 -12.72
CA ASP A 38 4.47 2.75 -14.14
C ASP A 38 4.99 3.94 -14.95
N ARG A 39 5.60 4.91 -14.28
CA ARG A 39 6.14 6.06 -14.98
C ARG A 39 6.85 7.03 -14.04
N GLY A 40 7.71 7.86 -14.62
CA GLY A 40 8.43 8.85 -13.83
C GLY A 40 9.93 8.61 -13.70
N PHE A 41 10.41 7.43 -14.04
CA PHE A 41 11.84 7.14 -13.93
C PHE A 41 12.49 6.57 -15.18
N ASP A 42 13.71 7.02 -15.46
CA ASP A 42 14.49 6.56 -16.60
C ASP A 42 15.68 5.79 -16.05
N HIS A 43 16.09 4.76 -16.78
CA HIS A 43 17.22 3.95 -16.36
C HIS A 43 18.43 4.36 -17.17
N ILE A 44 19.29 5.19 -16.58
CA ILE A 44 20.50 5.66 -17.26
C ILE A 44 21.73 4.98 -16.67
N ASP A 45 22.48 4.30 -17.53
CA ASP A 45 23.68 3.57 -17.13
C ASP A 45 23.69 3.05 -15.70
N GLU A 46 22.98 1.94 -15.50
CA GLU A 46 22.87 1.28 -14.19
C GLU A 46 22.45 2.20 -13.05
N GLU A 47 21.56 3.15 -13.32
CA GLU A 47 21.07 4.06 -12.30
C GLU A 47 19.67 4.57 -12.61
N TRP A 48 18.79 4.55 -11.60
CA TRP A 48 17.43 5.03 -11.77
C TRP A 48 17.36 6.52 -11.48
N VAL A 49 16.85 7.28 -12.44
CA VAL A 49 16.77 8.73 -12.33
C VAL A 49 15.37 9.32 -12.40
N GLY A 50 15.05 10.18 -11.44
CA GLY A 50 13.77 10.83 -11.41
C GLY A 50 13.99 12.33 -11.57
N TYR A 51 12.92 13.13 -11.57
CA TYR A 51 13.08 14.56 -11.72
C TYR A 51 12.14 15.33 -10.81
N LYS A 52 12.61 16.48 -10.32
CA LYS A 52 11.80 17.31 -9.42
C LYS A 52 10.48 17.81 -10.02
N ARG A 53 10.55 18.46 -11.17
CA ARG A 53 9.35 19.00 -11.79
C ARG A 53 8.46 17.93 -12.44
N SER A 54 8.93 16.74 -12.49
CA SER A 54 8.16 15.62 -13.02
C SER A 54 7.39 14.92 -11.91
N TYR A 55 6.67 13.86 -12.31
CA TYR A 55 5.90 13.11 -11.33
C TYR A 55 5.99 11.63 -11.67
N PHE A 56 5.55 10.78 -10.73
CA PHE A 56 5.58 9.35 -10.96
C PHE A 56 4.26 8.67 -10.60
N THR A 57 4.06 7.48 -11.16
CA THR A 57 2.85 6.71 -10.91
C THR A 57 3.25 5.39 -10.28
N LEU A 58 2.67 5.11 -9.12
CA LEU A 58 2.93 3.87 -8.41
C LEU A 58 1.58 3.22 -8.10
N VAL A 59 1.47 1.92 -8.40
CA VAL A 59 0.26 1.16 -8.15
C VAL A 59 0.65 -0.06 -7.33
N SER A 60 -0.30 -0.63 -6.60
CA SER A 60 0.01 -1.82 -5.81
C SER A 60 -1.24 -2.54 -5.33
N THR A 61 -1.10 -3.85 -5.16
CA THR A 61 -2.18 -4.69 -4.62
C THR A 61 -1.40 -5.58 -3.68
N PHE A 62 -2.06 -6.59 -3.13
CA PHE A 62 -1.38 -7.53 -2.27
C PHE A 62 -2.12 -8.82 -2.43
N GLU A 63 -1.46 -9.94 -2.21
CA GLU A 63 -2.11 -11.21 -2.36
C GLU A 63 -2.00 -12.08 -1.12
N THR A 64 -2.91 -13.04 -1.03
CA THR A 64 -2.96 -13.98 0.08
C THR A 64 -2.87 -15.37 -0.51
N ALA A 65 -1.71 -16.00 -0.38
CA ALA A 65 -1.47 -17.33 -0.92
C ALA A 65 -2.54 -18.35 -0.52
N ASN A 66 -3.09 -19.04 -1.52
CA ASN A 66 -4.10 -20.07 -1.31
C ASN A 66 -5.35 -19.67 -0.51
N CYS A 67 -5.70 -18.39 -0.52
CA CYS A 67 -6.87 -17.92 0.22
C CYS A 67 -7.74 -17.10 -0.74
N ASP A 68 -8.87 -17.66 -1.16
CA ASP A 68 -9.75 -16.96 -2.09
C ASP A 68 -10.39 -15.75 -1.41
N LEU A 69 -10.72 -14.74 -2.21
CA LEU A 69 -11.32 -13.50 -1.71
C LEU A 69 -12.58 -13.70 -0.84
N ASP A 70 -13.51 -14.53 -1.31
CA ASP A 70 -14.74 -14.79 -0.57
C ASP A 70 -14.48 -15.23 0.87
N THR A 71 -13.66 -16.26 1.02
CA THR A 71 -13.32 -16.80 2.34
C THR A 71 -12.61 -15.73 3.17
N PHE A 72 -11.71 -15.00 2.51
CA PHE A 72 -10.96 -13.93 3.15
C PHE A 72 -11.88 -12.90 3.79
N LEU A 73 -12.80 -12.36 2.99
CA LEU A 73 -13.73 -11.34 3.45
C LEU A 73 -14.63 -11.82 4.59
N LYS A 74 -14.89 -13.12 4.63
CA LYS A 74 -15.75 -13.70 5.65
C LYS A 74 -15.01 -14.04 6.94
N SER A 75 -13.68 -14.06 6.86
CA SER A 75 -12.85 -14.38 8.01
C SER A 75 -12.63 -13.22 8.96
N SER A 76 -11.95 -13.53 10.06
CA SER A 76 -11.57 -12.57 11.09
C SER A 76 -10.08 -12.81 11.31
N PHE A 77 -9.30 -11.74 11.42
CA PHE A 77 -7.85 -11.88 11.59
C PHE A 77 -7.29 -11.18 12.80
N ASP A 78 -6.32 -11.83 13.45
CA ASP A 78 -5.65 -11.27 14.62
C ASP A 78 -4.16 -11.13 14.35
N LEU A 79 -3.58 -10.05 14.84
CA LEU A 79 -2.15 -9.81 14.70
C LEU A 79 -1.48 -10.42 15.91
N LEU A 80 -0.31 -11.01 15.72
CA LEU A 80 0.41 -11.65 16.82
C LEU A 80 1.70 -10.91 17.20
N VAL A 81 1.66 -10.15 18.30
CA VAL A 81 2.83 -9.43 18.78
C VAL A 81 3.59 -10.37 19.71
N GLU A 82 4.82 -10.01 20.09
CA GLU A 82 5.60 -10.90 20.95
C GLU A 82 6.65 -10.22 21.82
N ASP A 83 7.17 -10.99 22.78
CA ASP A 83 8.21 -10.54 23.70
C ASP A 83 7.86 -9.32 24.56
N SER A 84 8.48 -8.19 24.26
CA SER A 84 8.26 -6.94 24.99
C SER A 84 6.78 -6.57 25.01
N SER A 85 6.24 -6.22 23.85
CA SER A 85 4.83 -5.85 23.74
C SER A 85 4.01 -7.02 24.29
N VAL A 86 4.31 -8.22 23.82
CA VAL A 86 3.65 -9.46 24.24
C VAL A 86 2.16 -9.36 24.54
N GLU A 87 1.50 -8.32 24.01
CA GLU A 87 0.07 -8.13 24.26
C GLU A 87 -0.75 -9.37 23.91
N GLY A 88 -0.30 -10.08 22.88
CA GLY A 88 -1.01 -11.27 22.45
C GLY A 88 -1.57 -11.01 21.07
N ARG A 89 -2.89 -11.01 20.95
CA ARG A 89 -3.49 -10.79 19.65
C ARG A 89 -4.33 -9.52 19.53
N LEU A 90 -4.12 -8.79 18.45
CA LEU A 90 -4.83 -7.56 18.18
C LEU A 90 -5.72 -7.79 16.96
N ARG A 91 -7.01 -7.48 17.09
CA ARG A 91 -7.95 -7.67 16.00
C ARG A 91 -7.72 -6.68 14.85
N VAL A 92 -7.63 -7.22 13.64
CA VAL A 92 -7.44 -6.40 12.45
C VAL A 92 -8.80 -5.87 12.02
N GLN A 93 -8.90 -4.56 11.80
CA GLN A 93 -10.18 -4.00 11.35
C GLN A 93 -10.15 -4.10 9.83
N TYR A 94 -8.97 -3.94 9.25
CA TYR A 94 -8.79 -4.03 7.81
C TYR A 94 -7.32 -3.83 7.42
N PHE A 95 -7.00 -4.16 6.19
CA PHE A 95 -5.64 -3.99 5.69
C PHE A 95 -5.59 -2.76 4.80
N ALA A 96 -4.42 -2.13 4.74
CA ALA A 96 -4.24 -0.94 3.93
C ALA A 96 -2.78 -0.86 3.53
N ILE A 97 -2.50 0.00 2.56
CA ILE A 97 -1.16 0.21 2.09
C ILE A 97 -0.83 1.70 2.15
N LYS A 98 0.45 2.01 2.26
CA LYS A 98 0.91 3.38 2.26
C LYS A 98 2.30 3.41 1.65
N ILE A 99 2.67 4.53 1.04
CA ILE A 99 3.97 4.65 0.44
C ILE A 99 4.73 5.77 1.12
N LYS A 100 6.06 5.70 1.08
CA LYS A 100 6.90 6.72 1.68
C LYS A 100 8.17 6.84 0.86
N ALA A 101 8.86 7.97 1.01
CA ALA A 101 10.11 8.18 0.30
C ALA A 101 11.15 8.40 1.39
N LYS A 102 12.35 7.89 1.17
CA LYS A 102 13.43 8.02 2.14
C LYS A 102 14.77 8.33 1.51
N ASN A 103 15.69 8.80 2.33
CA ASN A 103 17.05 9.10 1.91
C ASN A 103 17.70 7.72 2.04
N ASP A 104 17.97 7.08 0.91
CA ASP A 104 18.57 5.74 0.90
C ASP A 104 19.91 5.65 1.63
N ASP A 105 20.40 6.78 2.15
CA ASP A 105 21.66 6.78 2.86
C ASP A 105 21.49 6.84 4.37
N ASP A 106 20.87 7.91 4.87
CA ASP A 106 20.65 8.08 6.31
C ASP A 106 19.24 7.65 6.73
N ASP A 107 18.52 7.05 5.78
CA ASP A 107 17.17 6.57 6.02
C ASP A 107 16.21 7.65 6.55
N THR A 108 16.51 8.91 6.23
CA THR A 108 15.66 10.02 6.65
C THR A 108 14.46 10.10 5.71
N GLU A 109 13.28 10.40 6.26
CA GLU A 109 12.09 10.44 5.42
C GLU A 109 11.89 11.72 4.62
N ILE A 110 11.61 11.54 3.34
CA ILE A 110 11.40 12.63 2.40
C ILE A 110 9.90 12.78 2.11
N ASN A 111 9.38 13.98 2.25
CA ASN A 111 7.97 14.21 2.01
C ASN A 111 7.54 14.09 0.55
N LEU A 112 6.39 13.46 0.34
CA LEU A 112 5.84 13.27 -0.99
C LEU A 112 4.56 14.09 -1.10
N VAL A 113 4.32 14.67 -2.26
CA VAL A 113 3.12 15.47 -2.51
C VAL A 113 2.34 14.78 -3.62
N GLN A 114 1.05 14.57 -3.40
CA GLN A 114 0.21 13.90 -4.40
C GLN A 114 -0.90 14.81 -4.89
N HIS A 115 -1.40 14.53 -6.09
CA HIS A 115 -2.47 15.31 -6.69
C HIS A 115 -3.83 14.64 -6.55
N THR A 116 -4.68 15.24 -5.71
CA THR A 116 -6.03 14.74 -5.47
C THR A 116 -7.06 15.85 -5.69
N PRO A 127 0.87 11.29 0.23
CA PRO A 127 -0.03 10.16 -0.03
C PRO A 127 -0.98 9.92 1.14
N SER A 128 -1.67 8.78 1.12
CA SER A 128 -2.60 8.45 2.19
C SER A 128 -2.71 6.93 2.41
N VAL A 129 -3.28 6.55 3.56
CA VAL A 129 -3.49 5.16 3.92
C VAL A 129 -4.70 4.64 3.12
N CYS A 130 -4.45 3.74 2.20
CA CYS A 130 -5.48 3.18 1.31
C CYS A 130 -5.96 1.78 1.71
N PRO A 131 -7.23 1.67 2.17
CA PRO A 131 -7.78 0.36 2.57
C PRO A 131 -7.81 -0.50 1.31
N LEU A 132 -7.51 -1.78 1.43
CA LEU A 132 -7.44 -2.65 0.25
C LEU A 132 -7.77 -4.11 0.51
N VAL A 133 -8.32 -4.79 -0.49
CA VAL A 133 -8.62 -6.23 -0.38
C VAL A 133 -7.74 -6.96 -1.41
N PRO A 134 -7.35 -8.21 -1.11
CA PRO A 134 -6.50 -9.02 -1.98
C PRO A 134 -6.94 -9.02 -3.43
N SER A 135 -5.97 -8.93 -4.33
CA SER A 135 -6.26 -8.92 -5.75
C SER A 135 -4.98 -8.90 -6.56
N PRO A 136 -5.00 -9.49 -7.76
CA PRO A 136 -3.80 -9.49 -8.60
C PRO A 136 -3.62 -8.09 -9.18
N LEU A 137 -2.39 -7.77 -9.56
CA LEU A 137 -2.09 -6.47 -10.12
C LEU A 137 -2.42 -6.42 -11.61
N PRO A 138 -3.32 -5.51 -12.00
CA PRO A 138 -3.71 -5.37 -13.41
C PRO A 138 -2.51 -5.06 -14.30
N LYS A 139 -2.63 -5.38 -15.59
CA LYS A 139 -1.55 -5.13 -16.55
C LYS A 139 -1.32 -3.63 -16.66
N HIS A 140 -0.17 -3.28 -17.19
CA HIS A 140 0.23 -1.89 -17.38
C HIS A 140 -0.82 -1.10 -18.17
N GLN A 141 -1.18 -1.60 -19.36
CA GLN A 141 -2.14 -0.94 -20.23
C GLN A 141 -3.51 -0.66 -19.61
N ILE A 142 -3.97 -1.60 -18.78
CA ILE A 142 -5.26 -1.41 -18.12
C ILE A 142 -5.22 -0.22 -17.18
N ILE A 143 -4.06 -0.06 -16.44
CA ILE A 143 -3.87 1.06 -15.53
C ILE A 143 -4.04 2.36 -16.32
N ARG A 144 -3.56 2.37 -17.56
CA ARG A 144 -3.70 3.55 -18.41
C ARG A 144 -5.18 3.77 -18.75
N GLU A 145 -5.75 2.83 -19.50
CA GLU A 145 -7.15 2.89 -19.92
C GLU A 145 -8.10 3.19 -18.76
N ALA A 146 -7.64 3.04 -17.54
CA ALA A 146 -8.48 3.30 -16.37
C ALA A 146 -8.06 4.57 -15.64
N SER A 147 -6.89 5.09 -15.95
CA SER A 147 -6.39 6.30 -15.30
C SER A 147 -7.34 7.47 -15.54
N ASN A 148 -6.88 8.44 -16.30
CA ASN A 148 -7.69 9.62 -16.61
C ASN A 148 -8.44 9.45 -17.93
N VAL A 149 -9.44 8.58 -17.89
CA VAL A 149 -10.29 8.30 -19.04
C VAL A 149 -11.68 8.09 -18.47
N ARG A 150 -12.26 9.18 -17.97
CA ARG A 150 -13.58 9.16 -17.35
C ARG A 150 -14.74 8.87 -18.31
N ASN A 151 -14.70 7.73 -18.97
CA ASN A 151 -15.78 7.34 -19.88
C ASN A 151 -16.73 6.50 -19.03
N ILE A 152 -18.00 6.92 -18.97
CA ILE A 152 -19.00 6.22 -18.18
C ILE A 152 -19.10 4.73 -18.51
N THR A 153 -19.10 4.40 -19.80
CA THR A 153 -19.19 3.01 -20.23
C THR A 153 -17.87 2.27 -19.93
N LYS A 154 -16.76 2.96 -20.19
CA LYS A 154 -15.42 2.41 -19.98
C LYS A 154 -15.15 2.17 -18.51
N MET A 155 -15.45 3.16 -17.68
CA MET A 155 -15.24 3.07 -16.23
C MET A 155 -16.03 1.92 -15.62
N LYS A 156 -17.11 1.52 -16.30
CA LYS A 156 -17.94 0.43 -15.82
C LYS A 156 -17.37 -0.91 -16.29
N LYS A 157 -16.39 -0.85 -17.17
CA LYS A 157 -15.75 -2.06 -17.69
C LYS A 157 -14.55 -2.39 -16.80
N TYR A 158 -14.19 -1.45 -15.94
CA TYR A 158 -13.06 -1.60 -15.04
C TYR A 158 -13.50 -1.62 -13.57
N ASP A 159 -14.79 -1.42 -13.34
CA ASP A 159 -15.31 -1.40 -11.99
C ASP A 159 -15.00 -2.65 -11.17
N SER A 160 -15.21 -3.83 -11.76
CA SER A 160 -14.95 -5.08 -11.07
C SER A 160 -13.46 -5.33 -10.88
N THR A 161 -12.64 -4.61 -11.64
CA THR A 161 -11.19 -4.78 -11.53
C THR A 161 -10.62 -3.90 -10.41
N PHE A 162 -11.21 -2.73 -10.20
CA PHE A 162 -10.71 -1.80 -9.20
C PHE A 162 -11.46 -1.64 -7.89
N TYR A 163 -12.65 -2.21 -7.78
CA TYR A 163 -13.42 -2.06 -6.55
C TYR A 163 -14.27 -3.24 -6.12
N LEU A 164 -14.57 -3.24 -4.83
CA LEU A 164 -15.43 -4.22 -4.20
C LEU A 164 -16.49 -3.36 -3.52
N HIS A 165 -17.73 -3.46 -3.97
CA HIS A 165 -18.78 -2.70 -3.36
C HIS A 165 -19.47 -3.58 -2.34
N ARG A 166 -19.14 -3.35 -1.07
CA ARG A 166 -19.69 -4.12 0.04
C ARG A 166 -21.22 -4.10 0.09
N ASP A 167 -21.83 -2.98 -0.29
CA ASP A 167 -23.28 -2.87 -0.25
C ASP A 167 -24.02 -3.73 -1.28
N HIS A 168 -23.27 -4.47 -2.08
CA HIS A 168 -23.86 -5.34 -3.10
C HIS A 168 -23.71 -6.82 -2.80
N VAL A 169 -22.97 -7.15 -1.75
CA VAL A 169 -22.79 -8.57 -1.39
C VAL A 169 -24.01 -9.07 -0.62
N ASN A 170 -24.15 -10.39 -0.50
CA ASN A 170 -25.26 -10.95 0.25
C ASN A 170 -24.88 -10.89 1.73
N TYR A 171 -25.44 -9.92 2.45
CA TYR A 171 -25.16 -9.72 3.87
C TYR A 171 -25.41 -10.91 4.80
N GLU A 172 -26.35 -11.77 4.41
CA GLU A 172 -26.72 -12.95 5.20
C GLU A 172 -25.58 -13.96 5.25
N GLU A 173 -24.62 -13.80 4.35
CA GLU A 173 -23.50 -14.72 4.29
C GLU A 173 -22.33 -14.32 5.19
N TYR A 174 -22.38 -13.11 5.74
CA TYR A 174 -21.28 -12.65 6.58
C TYR A 174 -21.69 -12.53 8.04
N GLY A 175 -20.72 -12.79 8.93
CA GLY A 175 -20.96 -12.69 10.36
C GLY A 175 -20.59 -11.32 10.90
N VAL A 176 -21.08 -11.02 12.10
CA VAL A 176 -20.84 -9.73 12.75
C VAL A 176 -19.37 -9.32 12.81
N ASP A 177 -18.48 -10.29 12.97
CA ASP A 177 -17.05 -9.99 13.06
C ASP A 177 -16.29 -10.14 11.75
N SER A 178 -16.99 -10.37 10.66
CA SER A 178 -16.35 -10.54 9.37
C SER A 178 -15.47 -9.34 9.02
N LEU A 179 -14.35 -9.62 8.36
CA LEU A 179 -13.42 -8.60 7.94
C LEU A 179 -14.12 -7.56 7.07
N LEU A 180 -14.95 -8.03 6.15
CA LEU A 180 -15.64 -7.13 5.25
C LEU A 180 -16.37 -6.01 5.99
N PHE A 181 -17.02 -6.34 7.09
CA PHE A 181 -17.78 -5.34 7.82
C PHE A 181 -17.01 -4.43 8.74
N SER A 182 -15.69 -4.63 8.83
CA SER A 182 -14.87 -3.76 9.66
C SER A 182 -14.11 -2.77 8.75
N TYR A 183 -14.31 -2.87 7.44
CA TYR A 183 -13.66 -1.92 6.52
C TYR A 183 -14.41 -0.60 6.72
N PRO A 184 -13.70 0.53 6.61
CA PRO A 184 -14.28 1.87 6.78
C PRO A 184 -15.37 2.35 5.81
N GLU A 185 -15.27 1.97 4.54
CA GLU A 185 -16.26 2.40 3.57
C GLU A 185 -16.84 1.21 2.81
N ASP A 186 -17.98 1.41 2.15
CA ASP A 186 -18.62 0.35 1.37
C ASP A 186 -17.83 0.13 0.08
N SER A 187 -17.31 1.22 -0.48
CA SER A 187 -16.52 1.12 -1.70
C SER A 187 -15.09 0.78 -1.27
N ILE A 188 -14.64 -0.43 -1.61
CA ILE A 188 -13.30 -0.86 -1.21
C ILE A 188 -12.40 -1.11 -2.42
N GLN A 189 -11.23 -0.48 -2.45
CA GLN A 189 -10.32 -0.64 -3.56
C GLN A 189 -9.68 -2.02 -3.65
N LYS A 190 -9.41 -2.45 -4.88
CA LYS A 190 -8.74 -3.74 -5.11
C LYS A 190 -7.31 -3.42 -5.51
N VAL A 191 -7.09 -2.19 -5.95
CA VAL A 191 -5.78 -1.72 -6.39
C VAL A 191 -5.52 -0.32 -5.82
N ALA A 192 -4.36 -0.14 -5.20
CA ALA A 192 -3.99 1.16 -4.65
C ALA A 192 -3.30 1.92 -5.77
N ARG A 193 -3.93 2.99 -6.25
CA ARG A 193 -3.39 3.78 -7.34
C ARG A 193 -2.92 5.17 -6.93
N TYR A 194 -1.61 5.40 -6.97
CA TYR A 194 -1.08 6.71 -6.61
C TYR A 194 -0.61 7.42 -7.88
N GLU A 195 -1.54 8.11 -8.53
CA GLU A 195 -1.24 8.83 -9.74
C GLU A 195 -0.76 10.22 -9.39
N ARG A 196 0.10 10.79 -10.23
CA ARG A 196 0.62 12.13 -10.01
C ARG A 196 1.22 12.32 -8.61
N VAL A 197 2.40 11.78 -8.39
CA VAL A 197 3.08 11.93 -7.11
C VAL A 197 4.44 12.57 -7.40
N GLN A 198 4.83 13.53 -6.58
CA GLN A 198 6.12 14.18 -6.77
C GLN A 198 6.80 14.34 -5.43
N PHE A 199 8.10 14.59 -5.45
CA PHE A 199 8.83 14.80 -4.21
C PHE A 199 8.63 16.26 -3.83
N ALA A 200 8.74 16.57 -2.55
CA ALA A 200 8.57 17.96 -2.13
C ALA A 200 9.63 18.81 -2.84
N SER A 201 9.24 20.00 -3.28
CA SER A 201 10.15 20.90 -3.97
C SER A 201 11.26 21.45 -3.06
N SER A 202 11.10 21.26 -1.76
CA SER A 202 12.06 21.74 -0.78
C SER A 202 13.25 20.80 -0.57
N ILE A 203 13.14 19.58 -1.08
CA ILE A 203 14.21 18.60 -0.90
C ILE A 203 15.51 18.94 -1.61
N SER A 204 16.61 18.59 -0.97
CA SER A 204 17.94 18.81 -1.52
C SER A 204 18.35 17.50 -2.18
N VAL A 205 18.59 17.53 -3.49
CA VAL A 205 18.97 16.32 -4.22
C VAL A 205 20.48 16.10 -4.37
N LYS A 206 21.28 17.02 -3.82
CA LYS A 206 22.73 16.91 -3.88
C LYS A 206 23.38 17.22 -2.55
N LYS A 207 24.55 16.61 -2.31
CA LYS A 207 25.29 16.86 -1.10
C LYS A 207 26.14 18.10 -1.35
N PRO A 208 26.70 18.69 -0.29
CA PRO A 208 27.53 19.89 -0.46
C PRO A 208 28.66 19.66 -1.47
N SER A 209 29.12 18.43 -1.56
CA SER A 209 30.21 18.08 -2.49
C SER A 209 29.72 18.00 -3.94
N GLN A 210 28.42 18.20 -4.11
CA GLN A 210 27.75 18.14 -5.42
C GLN A 210 27.49 16.71 -5.90
N GLN A 211 27.79 15.72 -5.07
CA GLN A 211 27.52 14.34 -5.47
C GLN A 211 26.04 14.10 -5.17
N ASN A 212 25.39 13.31 -6.02
CA ASN A 212 23.97 13.01 -5.89
C ASN A 212 23.59 12.32 -4.58
N LYS A 213 22.44 12.69 -4.02
CA LYS A 213 21.97 12.01 -2.83
C LYS A 213 21.18 10.82 -3.38
N HIS A 214 20.95 9.81 -2.54
CA HIS A 214 20.23 8.63 -2.97
C HIS A 214 18.91 8.48 -2.21
N PHE A 215 17.82 8.29 -2.95
CA PHE A 215 16.52 8.13 -2.34
C PHE A 215 15.92 6.77 -2.64
N SER A 216 14.88 6.40 -1.91
CA SER A 216 14.24 5.12 -2.11
C SER A 216 12.75 5.19 -1.83
N LEU A 217 11.95 4.60 -2.71
CA LEU A 217 10.51 4.58 -2.55
C LEU A 217 10.13 3.29 -1.84
N HIS A 218 9.30 3.42 -0.80
CA HIS A 218 8.88 2.28 0.01
C HIS A 218 7.37 2.08 -0.06
N VAL A 219 6.95 0.82 0.03
CA VAL A 219 5.55 0.46 0.02
C VAL A 219 5.36 -0.44 1.24
N ILE A 220 4.40 -0.10 2.08
CA ILE A 220 4.15 -0.86 3.28
C ILE A 220 2.71 -1.38 3.36
N LEU A 221 2.58 -2.67 3.62
CA LEU A 221 1.26 -3.30 3.78
C LEU A 221 1.08 -3.37 5.29
N GLY A 222 -0.08 -2.94 5.78
CA GLY A 222 -0.31 -2.97 7.21
C GLY A 222 -1.74 -3.25 7.62
N ALA A 223 -1.92 -3.51 8.91
CA ALA A 223 -3.23 -3.78 9.49
C ALA A 223 -3.64 -2.63 10.40
N VAL A 224 -4.86 -2.13 10.22
CA VAL A 224 -5.36 -1.05 11.07
C VAL A 224 -6.08 -1.69 12.24
N VAL A 225 -5.64 -1.40 13.45
CA VAL A 225 -6.24 -1.95 14.66
C VAL A 225 -6.72 -0.83 15.58
N ASP A 226 -7.64 -1.18 16.49
CA ASP A 226 -8.21 -0.24 17.46
C ASP A 226 -7.17 0.44 18.33
N PRO A 227 -7.53 1.60 18.89
CA PRO A 227 -6.65 2.39 19.76
C PRO A 227 -5.97 1.55 20.83
N ASP A 228 -6.71 0.63 21.43
CA ASP A 228 -6.18 -0.24 22.47
C ASP A 228 -5.26 -1.31 21.89
N GLY A 236 6.71 -1.62 21.10
CA GLY A 236 8.02 -1.68 20.48
C GLY A 236 7.97 -2.05 19.01
N ILE A 237 6.79 -2.42 18.52
CA ILE A 237 6.61 -2.80 17.13
C ILE A 237 6.41 -1.58 16.24
N PRO A 238 6.83 -1.67 14.97
CA PRO A 238 6.69 -0.55 14.03
C PRO A 238 5.27 -0.34 13.56
N TYR A 239 4.80 0.90 13.67
CA TYR A 239 3.46 1.28 13.25
C TYR A 239 3.39 2.80 13.15
N ASP A 240 2.26 3.30 12.51
CA ASP A 240 2.02 4.73 12.39
C ASP A 240 0.69 5.01 13.07
N GLU A 241 0.59 6.16 13.73
CA GLU A 241 -0.66 6.54 14.37
C GLU A 241 -1.57 6.97 13.24
N LEU A 242 -2.84 6.75 13.40
CA LEU A 242 -3.77 6.99 12.29
C LEU A 242 -5.10 7.56 12.76
N ALA A 243 -5.62 8.52 12.01
CA ALA A 243 -6.91 9.14 12.33
C ALA A 243 -8.03 8.33 11.67
N LEU A 244 -8.61 7.40 12.40
CA LEU A 244 -9.67 6.53 11.90
C LEU A 244 -10.88 7.21 11.24
N LYS A 245 -11.98 6.47 11.19
CA LYS A 245 -13.21 6.93 10.57
C LYS A 245 -14.19 7.54 11.57
N ASN A 246 -14.22 7.00 12.79
CA ASN A 246 -15.12 7.50 13.81
C ASN A 246 -14.42 8.43 14.79
N GLY A 247 -13.49 9.23 14.27
CA GLY A 247 -12.75 10.18 15.07
C GLY A 247 -11.79 9.54 16.05
N SER A 248 -11.73 8.21 16.07
CA SER A 248 -10.86 7.50 16.98
C SER A 248 -9.43 7.42 16.45
N LYS A 249 -8.49 7.25 17.37
CA LYS A 249 -7.08 7.17 17.03
C LYS A 249 -6.63 5.70 16.90
N GLY A 250 -6.44 5.26 15.68
CA GLY A 250 -6.04 3.88 15.47
C GLY A 250 -4.54 3.70 15.24
N MET A 251 -4.15 2.46 14.98
CA MET A 251 -2.77 2.09 14.72
C MET A 251 -2.63 1.33 13.40
N PHE A 252 -1.72 1.79 12.55
CA PHE A 252 -1.44 1.15 11.28
C PHE A 252 -0.18 0.33 11.59
N VAL A 253 -0.36 -0.97 11.87
CA VAL A 253 0.77 -1.84 12.21
C VAL A 253 1.40 -2.52 10.98
N TYR A 254 2.70 -2.30 10.79
CA TYR A 254 3.41 -2.86 9.65
C TYR A 254 3.36 -4.38 9.54
N LEU A 255 3.07 -4.88 8.34
CA LEU A 255 3.03 -6.31 8.12
C LEU A 255 4.12 -6.72 7.15
N GLN A 256 4.34 -5.89 6.13
CA GLN A 256 5.36 -6.16 5.13
C GLN A 256 5.75 -4.87 4.42
N GLU A 257 7.03 -4.79 4.08
CA GLU A 257 7.58 -3.62 3.42
C GLU A 257 8.51 -3.99 2.28
N MET A 258 8.38 -3.23 1.19
CA MET A 258 9.20 -3.41 -0.01
C MET A 258 9.74 -2.03 -0.37
N LYS A 259 10.81 -2.01 -1.17
CA LYS A 259 11.43 -0.76 -1.57
C LYS A 259 12.08 -0.90 -2.93
N THR A 260 12.36 0.24 -3.56
CA THR A 260 13.01 0.26 -4.87
C THR A 260 14.50 0.32 -4.60
N PRO A 261 15.33 0.15 -5.65
CA PRO A 261 16.77 0.23 -5.39
C PRO A 261 17.06 1.74 -5.29
N PRO A 262 18.32 2.12 -5.00
CA PRO A 262 18.61 3.57 -4.89
C PRO A 262 18.14 4.37 -6.11
N LEU A 263 17.63 5.57 -5.87
CA LEU A 263 17.15 6.46 -6.94
C LEU A 263 17.88 7.80 -6.81
N ILE A 264 17.99 8.50 -7.92
CA ILE A 264 18.63 9.80 -7.97
C ILE A 264 17.60 10.78 -8.52
N ILE A 265 17.59 12.00 -7.99
CA ILE A 265 16.63 13.00 -8.44
C ILE A 265 17.30 14.24 -9.05
N ARG A 266 17.05 14.46 -10.34
CA ARG A 266 17.61 15.61 -11.05
C ARG A 266 16.80 16.82 -10.61
N GLY A 267 17.49 17.95 -10.46
CA GLY A 267 16.82 19.17 -10.05
C GLY A 267 16.66 20.16 -11.19
#